data_4ZJH
#
_entry.id   4ZJH
#
_cell.length_a   50.490
_cell.length_b   32.860
_cell.length_c   58.320
_cell.angle_alpha   90.00
_cell.angle_beta   102.23
_cell.angle_gamma   90.00
#
_symmetry.space_group_name_H-M   'P 1 21 1'
#
loop_
_entity.id
_entity.type
_entity.pdbx_description
1 polymer alpha-2-Macroglobulin
2 non-polymer 'ACETATE ION'
3 non-polymer GLYCEROL
4 water water
#
_entity_poly.entity_id   1
_entity_poly.type   'polypeptide(L)'
_entity_poly.pdbx_seq_one_letter_code
;AMDIQPSVGFASRGSLLPGKVVEGLPVMALNVNNVDVNFFRVKPESLPAFISQWEYRNSLANWQSDKLLQMADLVYTGRF
DLNPARNTREKLLLPLGDIKPLQQAGVYLAVMNQAGRYDYSNPATLFTLSDIGVSAHRYHNRLDIFTQSLENGAAQQGIE
VSLLNEKGQTLTQATSDAQGHVQLENDKNAALLLARKDGQTTLLDLKL
;
_entity_poly.pdbx_strand_id   A
#
loop_
_chem_comp.id
_chem_comp.type
_chem_comp.name
_chem_comp.formula
ACT non-polymer 'ACETATE ION' 'C2 H3 O2 -1'
GOL non-polymer GLYCEROL 'C3 H8 O3'
#
# COMPACT_ATOMS: atom_id res chain seq x y z
N ALA A 1 -29.35 -10.09 4.59
CA ALA A 1 -28.20 -10.98 4.36
C ALA A 1 -28.20 -12.15 5.35
N MET A 2 -29.33 -12.89 5.44
CA MET A 2 -29.46 -14.04 6.33
C MET A 2 -28.98 -15.36 5.69
N ASP A 3 -28.65 -15.35 4.39
CA ASP A 3 -28.15 -16.55 3.72
C ASP A 3 -26.64 -16.70 3.92
N ILE A 4 -26.16 -17.96 4.02
CA ILE A 4 -24.74 -18.26 4.19
C ILE A 4 -24.08 -18.22 2.81
N GLN A 5 -23.69 -17.03 2.36
CA GLN A 5 -23.07 -16.88 1.05
C GLN A 5 -21.55 -17.06 1.11
N PRO A 6 -20.96 -17.96 0.28
CA PRO A 6 -19.50 -18.08 0.24
C PRO A 6 -18.88 -16.75 -0.19
N SER A 7 -17.85 -16.34 0.53
CA SER A 7 -17.26 -15.03 0.29
C SER A 7 -15.78 -15.05 0.56
N VAL A 8 -15.02 -14.23 -0.18
CA VAL A 8 -13.59 -14.10 0.03
C VAL A 8 -13.19 -12.67 -0.36
N GLY A 9 -12.19 -12.16 0.32
CA GLY A 9 -11.70 -10.82 0.00
C GLY A 9 -10.53 -10.45 0.86
N PHE A 10 -9.79 -9.41 0.49
CA PHE A 10 -8.75 -8.94 1.37
C PHE A 10 -9.41 -8.32 2.61
N ALA A 11 -8.77 -8.46 3.77
CA ALA A 11 -9.29 -7.90 5.02
C ALA A 11 -9.40 -6.37 4.90
N SER A 12 -8.52 -5.77 4.10
CA SER A 12 -8.62 -4.33 3.85
C SER A 12 -8.19 -3.98 2.42
N ARG A 13 -8.65 -2.82 1.93
CA ARG A 13 -8.44 -2.36 0.55
C ARG A 13 -7.06 -1.78 0.32
N GLY A 14 -6.23 -1.72 1.37
CA GLY A 14 -4.87 -1.17 1.27
C GLY A 14 -4.52 -0.15 2.36
N SER A 15 -3.21 -0.02 2.66
CA SER A 15 -2.59 0.90 3.65
C SER A 15 -1.21 1.27 3.20
N LEU A 16 -0.85 2.56 3.34
CA LEU A 16 0.48 3.03 2.92
C LEU A 16 1.58 2.73 3.94
N LEU A 17 1.22 2.29 5.15
CA LEU A 17 2.21 2.00 6.19
C LEU A 17 3.02 0.74 5.80
N PRO A 18 4.37 0.78 5.68
CA PRO A 18 5.09 -0.43 5.26
C PRO A 18 4.95 -1.59 6.20
N GLY A 19 5.07 -2.77 5.62
CA GLY A 19 5.03 -4.03 6.33
C GLY A 19 6.18 -4.87 5.82
N LYS A 20 6.17 -6.14 6.19
CA LYS A 20 7.22 -7.07 5.80
C LYS A 20 6.61 -8.26 5.17
N VAL A 21 7.33 -8.95 4.26
CA VAL A 21 6.82 -10.18 3.66
C VAL A 21 6.40 -11.22 4.71
N VAL A 22 7.15 -11.31 5.84
CA VAL A 22 6.85 -12.28 6.90
C VAL A 22 5.42 -12.10 7.47
N GLU A 23 4.86 -10.88 7.40
CA GLU A 23 3.51 -10.60 7.93
C GLU A 23 2.40 -11.29 7.13
N GLY A 24 2.65 -11.56 5.85
CA GLY A 24 1.65 -12.17 4.99
C GLY A 24 0.61 -11.18 4.54
N LEU A 25 -0.35 -11.64 3.75
CA LEU A 25 -1.42 -10.78 3.25
C LEU A 25 -2.76 -11.33 3.73
N PRO A 26 -3.45 -10.61 4.64
CA PRO A 26 -4.69 -11.16 5.22
C PRO A 26 -5.88 -11.17 4.27
N VAL A 27 -6.59 -12.30 4.28
CA VAL A 27 -7.83 -12.48 3.52
C VAL A 27 -8.89 -12.94 4.48
N MET A 28 -10.15 -12.52 4.23
CA MET A 28 -11.30 -12.99 5.00
C MET A 28 -11.97 -14.03 4.15
N ALA A 29 -12.14 -15.25 4.69
CA ALA A 29 -12.74 -16.33 3.91
C ALA A 29 -13.90 -16.95 4.63
N LEU A 30 -14.99 -17.15 3.91
CA LEU A 30 -16.17 -17.87 4.39
C LEU A 30 -16.59 -18.90 3.34
N ASN A 31 -16.35 -20.21 3.62
CA ASN A 31 -16.74 -21.34 2.76
C ASN A 31 -16.17 -21.22 1.33
N VAL A 32 -14.94 -20.77 1.25
CA VAL A 32 -14.16 -20.63 -0.01
C VAL A 32 -12.89 -21.44 0.22
N ASN A 33 -12.46 -22.27 -0.77
CA ASN A 33 -11.29 -23.10 -0.57
CA ASN A 33 -11.29 -23.13 -0.60
C ASN A 33 -10.06 -22.67 -1.38
N ASN A 34 -10.17 -21.52 -2.08
CA ASN A 34 -9.04 -21.01 -2.83
C ASN A 34 -9.26 -19.58 -3.24
N VAL A 35 -8.16 -18.91 -3.53
CA VAL A 35 -8.16 -17.57 -4.09
C VAL A 35 -7.04 -17.51 -5.13
N ASP A 36 -7.36 -16.93 -6.30
CA ASP A 36 -6.44 -16.75 -7.42
C ASP A 36 -6.00 -15.31 -7.42
N VAL A 37 -4.70 -15.03 -7.26
CA VAL A 37 -4.29 -13.63 -7.04
C VAL A 37 -3.17 -13.24 -7.95
N ASN A 38 -3.30 -12.04 -8.55
CA ASN A 38 -2.26 -11.40 -9.34
C ASN A 38 -1.59 -10.34 -8.48
N PHE A 39 -0.24 -10.32 -8.48
CA PHE A 39 0.54 -9.33 -7.76
C PHE A 39 1.21 -8.43 -8.75
N PHE A 40 1.13 -7.14 -8.52
CA PHE A 40 1.76 -6.15 -9.40
C PHE A 40 2.66 -5.23 -8.61
N ARG A 41 3.79 -4.78 -9.21
CA ARG A 41 4.59 -3.74 -8.61
C ARG A 41 4.27 -2.43 -9.32
N VAL A 42 3.89 -1.40 -8.57
CA VAL A 42 3.62 -0.09 -9.18
C VAL A 42 4.93 0.48 -9.73
N LYS A 43 4.90 1.00 -10.96
CA LYS A 43 6.09 1.58 -11.57
C LYS A 43 6.51 2.81 -10.78
N PRO A 44 7.78 2.91 -10.37
CA PRO A 44 8.20 4.06 -9.55
C PRO A 44 7.88 5.40 -10.18
N GLU A 45 8.09 5.52 -11.51
CA GLU A 45 7.88 6.80 -12.21
C GLU A 45 6.42 7.24 -12.21
N SER A 46 5.50 6.28 -12.06
CA SER A 46 4.05 6.50 -12.08
C SER A 46 3.43 6.48 -10.67
N LEU A 47 4.23 6.29 -9.61
CA LEU A 47 3.71 6.18 -8.24
CA LEU A 47 3.70 6.19 -8.23
C LEU A 47 2.84 7.38 -7.82
N PRO A 48 3.27 8.66 -8.00
CA PRO A 48 2.38 9.77 -7.56
C PRO A 48 1.01 9.74 -8.25
N ALA A 49 0.98 9.46 -9.56
CA ALA A 49 -0.28 9.38 -10.32
C ALA A 49 -1.12 8.17 -9.87
N PHE A 50 -0.44 7.02 -9.62
CA PHE A 50 -1.13 5.84 -9.16
C PHE A 50 -1.76 6.02 -7.77
N ILE A 51 -0.97 6.50 -6.78
CA ILE A 51 -1.43 6.63 -5.40
C ILE A 51 -2.52 7.69 -5.30
N SER A 52 -2.41 8.78 -6.09
CA SER A 52 -3.41 9.85 -6.17
C SER A 52 -4.73 9.25 -6.66
N GLN A 53 -4.66 8.40 -7.71
CA GLN A 53 -5.80 7.72 -8.32
C GLN A 53 -6.35 6.66 -7.40
N TRP A 54 -5.47 5.96 -6.63
CA TRP A 54 -5.87 4.92 -5.67
C TRP A 54 -6.64 5.58 -4.53
N GLU A 55 -6.25 6.82 -4.14
CA GLU A 55 -6.90 7.61 -3.09
C GLU A 55 -8.34 8.03 -3.46
N TYR A 56 -8.63 8.45 -4.71
CA TYR A 56 -10.00 8.86 -5.04
C TYR A 56 -10.82 7.71 -5.67
N ARG A 57 -10.29 6.48 -5.68
CA ARG A 57 -11.00 5.30 -6.19
C ARG A 57 -11.20 4.23 -5.11
N ASN A 58 -10.39 4.24 -4.00
CA ASN A 58 -10.48 3.26 -2.92
C ASN A 58 -11.80 3.35 -2.11
N SER A 59 -12.68 4.31 -2.48
CA SER A 59 -14.00 4.54 -1.89
C SER A 59 -14.89 3.30 -2.04
N LEU A 60 -14.58 2.44 -3.03
CA LEU A 60 -15.31 1.21 -3.33
C LEU A 60 -14.33 0.02 -3.46
N ALA A 61 -14.88 -1.21 -3.42
CA ALA A 61 -14.19 -2.50 -3.49
C ALA A 61 -13.39 -2.68 -4.78
N ASN A 62 -14.04 -2.58 -5.95
CA ASN A 62 -13.37 -2.79 -7.22
C ASN A 62 -12.74 -1.49 -7.72
N TRP A 63 -11.69 -1.04 -7.01
CA TRP A 63 -11.00 0.19 -7.38
C TRP A 63 -9.99 -0.04 -8.50
N GLN A 64 -9.61 -1.31 -8.75
CA GLN A 64 -8.72 -1.65 -9.87
C GLN A 64 -9.43 -1.37 -11.21
N SER A 65 -8.63 -1.06 -12.24
CA SER A 65 -9.05 -0.78 -13.61
C SER A 65 -7.87 -1.03 -14.54
N ASP A 66 -8.11 -1.15 -15.86
CA ASP A 66 -7.08 -1.36 -16.88
C ASP A 66 -6.14 -0.13 -16.94
N LYS A 67 -6.70 1.09 -16.77
CA LYS A 67 -5.92 2.33 -16.77
C LYS A 67 -4.98 2.38 -15.56
N LEU A 68 -5.44 1.93 -14.37
CA LEU A 68 -4.61 1.90 -13.17
C LEU A 68 -3.55 0.82 -13.31
N LEU A 69 -3.92 -0.34 -13.88
CA LEU A 69 -3.01 -1.47 -13.99
C LEU A 69 -1.88 -1.20 -14.98
N GLN A 70 -2.06 -0.31 -15.97
CA GLN A 70 -1.03 0.04 -16.95
C GLN A 70 0.13 0.85 -16.29
N MET A 71 -0.09 1.28 -15.02
CA MET A 71 0.90 2.00 -14.23
CA MET A 71 0.85 2.00 -14.17
C MET A 71 1.63 1.00 -13.29
N ALA A 72 1.48 -0.30 -13.56
CA ALA A 72 2.13 -1.33 -12.76
C ALA A 72 2.54 -2.51 -13.62
N ASP A 73 3.42 -3.37 -13.10
CA ASP A 73 3.88 -4.57 -13.80
C ASP A 73 3.51 -5.82 -13.02
N LEU A 74 2.95 -6.81 -13.71
CA LEU A 74 2.61 -8.10 -13.10
C LEU A 74 3.91 -8.80 -12.70
N VAL A 75 4.03 -9.19 -11.42
CA VAL A 75 5.26 -9.83 -10.93
C VAL A 75 5.02 -11.32 -10.58
N TYR A 76 3.77 -11.68 -10.24
CA TYR A 76 3.47 -13.06 -9.89
C TYR A 76 1.98 -13.32 -9.96
N THR A 77 1.60 -14.53 -10.35
CA THR A 77 0.21 -14.97 -10.28
C THR A 77 0.20 -16.33 -9.62
N GLY A 78 -0.69 -16.53 -8.66
CA GLY A 78 -0.75 -17.81 -7.98
C GLY A 78 -2.10 -18.15 -7.40
N ARG A 79 -2.34 -19.43 -7.16
CA ARG A 79 -3.58 -19.90 -6.58
C ARG A 79 -3.25 -20.39 -5.19
N PHE A 80 -3.89 -19.79 -4.18
CA PHE A 80 -3.64 -20.10 -2.77
C PHE A 80 -4.76 -20.90 -2.22
N ASP A 81 -4.44 -22.10 -1.73
CA ASP A 81 -5.35 -23.00 -1.08
C ASP A 81 -5.73 -22.39 0.27
N LEU A 82 -7.03 -22.41 0.60
CA LEU A 82 -7.55 -21.92 1.89
C LEU A 82 -8.41 -23.01 2.49
N ASN A 83 -8.34 -23.21 3.79
CA ASN A 83 -9.17 -24.26 4.37
C ASN A 83 -9.89 -23.71 5.62
N PRO A 84 -10.76 -22.68 5.47
CA PRO A 84 -11.47 -22.17 6.66
C PRO A 84 -12.48 -23.19 7.17
N ALA A 85 -12.74 -23.15 8.48
CA ALA A 85 -13.71 -24.01 9.15
C ALA A 85 -15.08 -23.74 8.55
N ARG A 86 -15.88 -24.81 8.42
CA ARG A 86 -17.22 -24.70 7.83
C ARG A 86 -18.07 -23.65 8.53
N ASN A 87 -18.73 -22.79 7.72
CA ASN A 87 -19.70 -21.77 8.18
C ASN A 87 -19.07 -20.77 9.17
N THR A 88 -17.74 -20.66 9.15
CA THR A 88 -17.03 -19.73 10.05
C THR A 88 -16.11 -18.83 9.27
N ARG A 89 -16.28 -17.49 9.41
CA ARG A 89 -15.40 -16.59 8.71
C ARG A 89 -14.01 -16.69 9.34
N GLU A 90 -12.98 -16.75 8.52
CA GLU A 90 -11.63 -16.86 9.02
C GLU A 90 -10.75 -15.82 8.42
N LYS A 91 -9.82 -15.28 9.24
CA LYS A 91 -8.77 -14.41 8.75
C LYS A 91 -7.59 -15.32 8.46
N LEU A 92 -7.22 -15.44 7.18
CA LEU A 92 -6.13 -16.29 6.73
C LEU A 92 -5.05 -15.42 6.14
N LEU A 93 -3.79 -15.83 6.30
CA LEU A 93 -2.67 -15.06 5.82
C LEU A 93 -2.08 -15.71 4.61
N LEU A 94 -2.08 -14.99 3.46
CA LEU A 94 -1.42 -15.56 2.27
C LEU A 94 0.06 -15.43 2.48
N PRO A 95 0.83 -16.52 2.38
CA PRO A 95 2.28 -16.38 2.57
C PRO A 95 2.95 -15.67 1.39
N LEU A 96 3.89 -14.77 1.69
CA LEU A 96 4.58 -13.99 0.65
C LEU A 96 6.08 -14.29 0.58
N GLY A 97 6.58 -15.04 1.56
CA GLY A 97 8.00 -15.34 1.67
C GLY A 97 8.65 -16.15 0.56
N ASP A 98 7.87 -16.82 -0.31
CA ASP A 98 8.54 -17.59 -1.35
C ASP A 98 8.20 -17.07 -2.75
N ILE A 99 7.75 -15.81 -2.83
CA ILE A 99 7.48 -15.12 -4.10
C ILE A 99 8.71 -14.20 -4.26
N LYS A 100 9.70 -14.61 -5.09
CA LYS A 100 10.99 -13.94 -5.21
C LYS A 100 10.86 -12.42 -5.47
N PRO A 101 9.96 -11.94 -6.37
CA PRO A 101 9.86 -10.49 -6.59
C PRO A 101 9.53 -9.71 -5.32
N LEU A 102 8.86 -10.34 -4.34
CA LEU A 102 8.52 -9.62 -3.10
C LEU A 102 9.74 -9.51 -2.13
N GLN A 103 10.93 -10.04 -2.55
CA GLN A 103 12.17 -9.84 -1.80
C GLN A 103 12.66 -8.40 -2.04
N GLN A 104 12.05 -7.71 -3.04
CA GLN A 104 12.39 -6.36 -3.44
C GLN A 104 11.44 -5.34 -2.86
N ALA A 105 11.99 -4.20 -2.52
CA ALA A 105 11.18 -3.09 -2.05
C ALA A 105 10.22 -2.64 -3.15
N GLY A 106 9.07 -2.14 -2.75
CA GLY A 106 8.14 -1.62 -3.72
C GLY A 106 6.77 -1.37 -3.15
N VAL A 107 5.92 -0.71 -3.96
CA VAL A 107 4.50 -0.53 -3.66
C VAL A 107 3.80 -1.56 -4.53
N TYR A 108 3.08 -2.49 -3.89
CA TYR A 108 2.45 -3.60 -4.59
C TYR A 108 0.97 -3.58 -4.52
N LEU A 109 0.37 -4.10 -5.57
CA LEU A 109 -1.06 -4.26 -5.66
C LEU A 109 -1.36 -5.74 -5.77
N ALA A 110 -2.33 -6.26 -5.01
CA ALA A 110 -2.71 -7.67 -5.15
C ALA A 110 -4.18 -7.66 -5.58
N VAL A 111 -4.52 -8.37 -6.66
CA VAL A 111 -5.90 -8.35 -7.18
C VAL A 111 -6.37 -9.76 -7.34
N MET A 112 -7.56 -10.07 -6.81
CA MET A 112 -8.10 -11.41 -6.95
C MET A 112 -8.75 -11.60 -8.32
N ASN A 113 -8.55 -12.77 -8.92
CA ASN A 113 -9.20 -13.17 -10.17
C ASN A 113 -10.57 -13.66 -9.71
N GLN A 114 -11.65 -12.93 -10.06
CA GLN A 114 -13.00 -13.20 -9.53
C GLN A 114 -13.81 -14.24 -10.33
N ALA A 115 -13.25 -15.44 -10.54
CA ALA A 115 -13.93 -16.52 -11.26
C ALA A 115 -14.69 -17.43 -10.29
N GLY A 116 -15.90 -17.82 -10.67
CA GLY A 116 -16.74 -18.70 -9.87
C GLY A 116 -17.93 -18.03 -9.23
N ARG A 117 -18.67 -18.79 -8.40
CA ARG A 117 -19.89 -18.37 -7.72
C ARG A 117 -19.60 -17.61 -6.40
N TYR A 118 -18.31 -17.50 -6.01
CA TYR A 118 -17.89 -16.81 -4.79
C TYR A 118 -18.22 -15.32 -4.83
N ASP A 119 -18.59 -14.76 -3.68
CA ASP A 119 -18.76 -13.31 -3.53
C ASP A 119 -17.38 -12.71 -3.21
N TYR A 120 -17.01 -11.60 -3.87
CA TYR A 120 -15.73 -10.95 -3.64
C TYR A 120 -15.92 -9.62 -2.95
N SER A 121 -15.56 -9.57 -1.65
CA SER A 121 -15.74 -8.35 -0.84
C SER A 121 -14.75 -7.27 -1.21
N ASN A 122 -13.45 -7.49 -0.96
CA ASN A 122 -12.39 -6.51 -1.28
C ASN A 122 -11.44 -7.19 -2.24
N PRO A 123 -11.67 -7.13 -3.56
CA PRO A 123 -10.84 -7.96 -4.45
C PRO A 123 -9.47 -7.36 -4.70
N ALA A 124 -9.21 -6.13 -4.23
CA ALA A 124 -7.90 -5.52 -4.46
C ALA A 124 -7.34 -4.90 -3.22
N THR A 125 -6.03 -5.03 -3.04
CA THR A 125 -5.39 -4.44 -1.88
C THR A 125 -4.03 -3.91 -2.24
N LEU A 126 -3.58 -2.95 -1.45
CA LEU A 126 -2.31 -2.30 -1.70
C LEU A 126 -1.40 -2.52 -0.50
N PHE A 127 -0.14 -2.88 -0.73
CA PHE A 127 0.81 -3.02 0.36
C PHE A 127 2.19 -2.54 -0.06
N THR A 128 2.94 -1.99 0.91
CA THR A 128 4.28 -1.47 0.67
C THR A 128 5.32 -2.26 1.41
N LEU A 129 6.37 -2.65 0.70
CA LEU A 129 7.53 -3.28 1.30
C LEU A 129 8.61 -2.22 1.25
N SER A 130 9.03 -1.74 2.42
CA SER A 130 9.99 -0.67 2.53
C SER A 130 10.59 -0.63 3.93
N ASP A 131 11.84 -0.20 4.06
CA ASP A 131 12.45 0.00 5.38
C ASP A 131 12.28 1.45 5.83
N ILE A 132 11.61 2.31 5.02
CA ILE A 132 11.49 3.72 5.44
C ILE A 132 10.22 3.94 6.22
N GLY A 133 10.34 4.48 7.41
CA GLY A 133 9.20 4.91 8.20
C GLY A 133 9.12 6.43 8.06
N VAL A 134 7.92 6.97 7.75
CA VAL A 134 7.69 8.44 7.63
C VAL A 134 6.54 8.78 8.54
N SER A 135 6.71 9.81 9.37
CA SER A 135 5.63 10.28 10.22
C SER A 135 5.69 11.79 10.18
N ALA A 136 4.54 12.43 10.40
CA ALA A 136 4.50 13.87 10.29
C ALA A 136 3.43 14.48 11.13
N HIS A 137 3.63 15.74 11.51
CA HIS A 137 2.58 16.48 12.19
C HIS A 137 2.73 17.96 11.92
N ARG A 138 1.60 18.66 11.84
CA ARG A 138 1.63 20.10 11.65
C ARG A 138 2.04 20.75 12.94
N TYR A 139 2.83 21.81 12.84
CA TYR A 139 3.24 22.56 14.02
C TYR A 139 3.29 24.01 13.58
N HIS A 140 2.24 24.78 13.96
CA HIS A 140 2.12 26.18 13.55
C HIS A 140 2.16 26.28 11.99
N ASN A 141 3.11 27.04 11.40
CA ASN A 141 3.24 27.22 9.96
C ASN A 141 4.12 26.18 9.30
N ARG A 142 4.44 25.06 10.00
CA ARG A 142 5.32 24.04 9.42
CA ARG A 142 5.31 24.06 9.39
C ARG A 142 4.71 22.66 9.48
N LEU A 143 5.20 21.79 8.63
CA LEU A 143 4.87 20.39 8.65
C LEU A 143 6.18 19.70 9.06
N ASP A 144 6.23 19.15 10.28
CA ASP A 144 7.44 18.51 10.81
C ASP A 144 7.41 17.04 10.52
N ILE A 145 8.40 16.58 9.77
CA ILE A 145 8.46 15.20 9.29
C ILE A 145 9.65 14.47 9.87
N PHE A 146 9.48 13.18 10.18
CA PHE A 146 10.55 12.36 10.70
C PHE A 146 10.68 11.13 9.82
N THR A 147 11.90 10.85 9.37
CA THR A 147 12.17 9.69 8.51
C THR A 147 13.13 8.75 9.24
N GLN A 148 12.78 7.47 9.29
CA GLN A 148 13.56 6.51 10.05
C GLN A 148 13.68 5.19 9.35
N SER A 149 14.48 4.32 9.92
CA SER A 149 14.58 2.90 9.55
C SER A 149 13.57 2.12 10.36
N LEU A 150 12.75 1.29 9.71
CA LEU A 150 11.76 0.51 10.43
C LEU A 150 12.38 -0.70 11.14
N GLU A 151 13.56 -1.15 10.68
CA GLU A 151 14.27 -2.28 11.30
C GLU A 151 14.69 -1.99 12.77
N ASN A 152 15.25 -0.82 13.02
CA ASN A 152 15.72 -0.48 14.37
C ASN A 152 15.13 0.85 14.89
N GLY A 153 14.29 1.53 14.09
CA GLY A 153 13.70 2.80 14.48
C GLY A 153 14.57 4.04 14.37
N ALA A 154 15.86 3.87 14.03
CA ALA A 154 16.82 4.98 14.02
C ALA A 154 16.55 6.00 12.95
N ALA A 155 16.74 7.28 13.31
CA ALA A 155 16.65 8.39 12.38
C ALA A 155 17.54 8.15 11.18
N GLN A 156 17.04 8.47 9.97
CA GLN A 156 17.83 8.29 8.76
C GLN A 156 17.91 9.60 8.01
N GLN A 157 19.13 9.91 7.58
CA GLN A 157 19.50 11.10 6.83
C GLN A 157 19.40 10.83 5.35
N GLY A 158 19.28 11.86 4.55
CA GLY A 158 19.31 11.70 3.11
C GLY A 158 18.09 11.08 2.45
N ILE A 159 16.96 11.05 3.17
CA ILE A 159 15.70 10.53 2.58
C ILE A 159 14.99 11.70 1.91
N GLU A 160 14.72 11.60 0.59
CA GLU A 160 14.04 12.67 -0.15
C GLU A 160 12.56 12.61 0.14
N VAL A 161 12.00 13.68 0.70
CA VAL A 161 10.56 13.68 0.99
C VAL A 161 9.92 14.68 0.05
N SER A 162 8.97 14.21 -0.75
CA SER A 162 8.23 15.07 -1.67
C SER A 162 6.84 15.24 -1.11
N LEU A 163 6.36 16.50 -1.13
CA LEU A 163 5.01 16.85 -0.71
C LEU A 163 4.11 16.85 -1.95
N LEU A 164 3.08 16.01 -1.96
CA LEU A 164 2.14 15.93 -3.10
C LEU A 164 0.74 16.44 -2.77
N ASN A 165 0.04 17.03 -3.76
CA ASN A 165 -1.36 17.36 -3.57
C ASN A 165 -2.22 16.14 -3.95
N GLU A 166 -3.55 16.26 -3.88
CA GLU A 166 -4.46 15.14 -4.18
C GLU A 166 -4.37 14.67 -5.64
N LYS A 167 -3.78 15.50 -6.52
CA LYS A 167 -3.61 15.16 -7.94
C LYS A 167 -2.30 14.41 -8.18
N GLY A 168 -1.44 14.35 -7.18
CA GLY A 168 -0.16 13.69 -7.32
C GLY A 168 0.94 14.61 -7.80
N GLN A 169 0.64 15.91 -7.93
CA GLN A 169 1.61 16.95 -8.28
C GLN A 169 2.55 17.20 -7.11
N THR A 170 3.83 17.37 -7.40
CA THR A 170 4.81 17.66 -6.39
C THR A 170 4.80 19.15 -6.10
N LEU A 171 4.48 19.50 -4.87
CA LEU A 171 4.43 20.88 -4.38
C LEU A 171 5.82 21.35 -3.98
N THR A 172 6.62 20.46 -3.33
CA THR A 172 7.98 20.78 -2.91
C THR A 172 8.67 19.51 -2.48
N GLN A 173 9.96 19.61 -2.18
CA GLN A 173 10.74 18.45 -1.75
C GLN A 173 11.94 18.94 -0.94
N ALA A 174 12.38 18.09 -0.02
CA ALA A 174 13.54 18.35 0.82
C ALA A 174 14.11 17.01 1.27
N THR A 175 15.36 16.99 1.71
CA THR A 175 16.01 15.74 2.13
CA THR A 175 15.95 15.71 2.17
C THR A 175 16.21 15.77 3.65
N SER A 176 16.01 14.60 4.32
CA SER A 176 16.14 14.56 5.75
C SER A 176 17.56 14.83 6.22
N ASP A 177 17.64 15.46 7.40
CA ASP A 177 18.93 15.83 7.99
C ASP A 177 19.44 14.71 8.89
N ALA A 178 20.52 14.99 9.64
CA ALA A 178 21.18 14.01 10.50
C ALA A 178 20.24 13.44 11.55
N GLN A 179 19.29 14.24 11.98
CA GLN A 179 18.33 13.79 12.98
C GLN A 179 17.04 13.18 12.36
N GLY A 180 17.04 12.93 11.05
CA GLY A 180 15.89 12.34 10.36
C GLY A 180 14.77 13.34 10.16
N HIS A 181 15.08 14.66 10.22
CA HIS A 181 14.03 15.65 10.09
C HIS A 181 13.95 16.34 8.75
N VAL A 182 12.74 16.66 8.35
CA VAL A 182 12.38 17.50 7.22
C VAL A 182 11.33 18.45 7.74
N GLN A 183 11.48 19.73 7.44
CA GLN A 183 10.48 20.72 7.82
C GLN A 183 10.02 21.39 6.55
N LEU A 184 8.75 21.24 6.23
CA LEU A 184 8.14 21.84 5.07
C LEU A 184 7.15 22.90 5.46
N GLU A 185 6.73 23.70 4.48
CA GLU A 185 5.66 24.66 4.70
C GLU A 185 4.36 23.90 4.83
N ASN A 186 3.36 24.55 5.44
CA ASN A 186 2.03 23.98 5.54
CA ASN A 186 2.03 24.00 5.60
C ASN A 186 1.23 24.42 4.36
N ASP A 187 1.02 23.52 3.41
CA ASP A 187 0.30 23.88 2.22
C ASP A 187 -1.17 23.48 2.34
N LYS A 188 -2.06 24.38 1.90
CA LYS A 188 -3.52 24.18 1.89
C LYS A 188 -3.90 22.85 1.22
N ASN A 189 -3.14 22.50 0.18
CA ASN A 189 -3.41 21.32 -0.62
C ASN A 189 -2.49 20.16 -0.33
N ALA A 190 -1.82 20.13 0.85
CA ALA A 190 -0.97 18.98 1.20
C ALA A 190 -1.83 17.73 1.34
N ALA A 191 -1.46 16.64 0.65
CA ALA A 191 -2.26 15.41 0.74
C ALA A 191 -1.40 14.20 1.08
N LEU A 192 -0.24 14.05 0.41
CA LEU A 192 0.63 12.91 0.59
C LEU A 192 2.06 13.30 0.75
N LEU A 193 2.81 12.44 1.44
CA LEU A 193 4.27 12.49 1.44
C LEU A 193 4.79 11.30 0.66
N LEU A 194 5.84 11.50 -0.14
CA LEU A 194 6.50 10.41 -0.84
C LEU A 194 7.96 10.45 -0.39
N ALA A 195 8.43 9.40 0.33
CA ALA A 195 9.80 9.38 0.84
C ALA A 195 10.58 8.31 0.16
N ARG A 196 11.75 8.69 -0.35
CA ARG A 196 12.58 7.80 -1.18
C ARG A 196 14.05 7.87 -0.81
N LYS A 197 14.71 6.70 -0.82
CA LYS A 197 16.16 6.61 -0.67
C LYS A 197 16.62 5.25 -1.13
N ASP A 198 17.60 5.21 -2.04
CA ASP A 198 18.23 3.95 -2.44
C ASP A 198 17.22 2.81 -2.76
N GLY A 199 16.23 3.14 -3.58
CA GLY A 199 15.28 2.13 -4.03
C GLY A 199 14.14 1.82 -3.07
N GLN A 200 14.19 2.36 -1.85
CA GLN A 200 13.12 2.21 -0.86
C GLN A 200 12.17 3.38 -1.02
N THR A 201 10.85 3.13 -0.90
CA THR A 201 9.82 4.15 -1.04
C THR A 201 8.71 3.92 -0.07
N THR A 202 8.31 4.97 0.60
CA THR A 202 7.15 4.93 1.51
C THR A 202 6.34 6.17 1.29
N LEU A 203 5.02 6.01 1.25
CA LEU A 203 4.13 7.15 1.18
C LEU A 203 3.38 7.29 2.49
N LEU A 204 2.91 8.50 2.77
CA LEU A 204 2.12 8.79 3.98
C LEU A 204 0.91 9.63 3.59
N ASP A 205 -0.29 9.21 4.02
CA ASP A 205 -1.49 9.99 3.74
C ASP A 205 -1.65 11.00 4.85
N LEU A 206 -1.47 12.27 4.56
CA LEU A 206 -1.56 13.33 5.55
C LEU A 206 -2.99 13.61 6.05
N LYS A 207 -4.01 13.10 5.31
CA LYS A 207 -5.42 13.29 5.62
C LYS A 207 -5.94 12.27 6.63
N LEU A 208 -5.13 11.24 6.92
CA LEU A 208 -5.47 10.18 7.88
C LEU A 208 -5.02 10.55 9.30
C ACT B . 10.95 -8.28 -10.13
O ACT B . 11.42 -8.11 -9.00
OXT ACT B . 9.94 -7.70 -10.65
CH3 ACT B . 11.72 -9.27 -10.99
C1 GOL C . 14.29 -4.35 0.98
O1 GOL C . 15.10 -4.35 -0.20
C2 GOL C . 12.97 -5.04 0.72
O2 GOL C . 13.07 -6.42 1.08
C3 GOL C . 11.80 -4.40 1.45
O3 GOL C . 12.21 -3.24 2.16
#